data_8YT6
#
_entry.id   8YT6
#
_cell.length_a   45.647
_cell.length_b   61.305
_cell.length_c   100.651
_cell.angle_alpha   90.000
_cell.angle_beta   90.000
_cell.angle_gamma   90.000
#
_symmetry.space_group_name_H-M   'P 21 21 21'
#
loop_
_entity.id
_entity.type
_entity.pdbx_description
1 polymer 'Peroxisome proliferator-activated receptor alpha'
2 polymer 'Peroxisome proliferator-activated receptor gamma coactivator 1-alpha'
3 non-polymer '6-(2-ethoxyethyl)-1-(4-fluorophenyl)-3-pentan-3-yl-pyrazolo[3,4-b]pyridine-4-carboxylic acid'
4 water water
#
loop_
_entity_poly.entity_id
_entity_poly.type
_entity_poly.pdbx_seq_one_letter_code
_entity_poly.pdbx_strand_id
1 'polypeptide(L)'
;GGQTADLKSLAKRIYEAYLKNFNMNKVKARVILSGKASNNPPFVIHDMETLCMAEKTLVAKLVANGIQNKEAEVRIFHCC
QCTSVETVTELTEFAKAIPGFANLDLNDQVTLLKYGVYEAIFAMLSSVMNKDGMLVAYGNGFITREFLKSLRKPFCDIME
PKFDFAMKFNALELDDSDISLFVAAIICCGDRPGLLNVGHIEKMQEGIVHVLRLHLQSNHPDDIFLFPKLLQKMADLRQL
VTEHAQLVQIIKKTESDAALHPLLQEIYRDMY
;
A
2 'polypeptide(L)' PQEAEEPSLLKKLLLAPANTQL B
#
loop_
_chem_comp.id
_chem_comp.type
_chem_comp.name
_chem_comp.formula
A1LZX non-polymer '6-(2-ethoxyethyl)-1-(4-fluorophenyl)-3-pentan-3-yl-pyrazolo[3,4-b]pyridine-4-carboxylic acid' 'C22 H26 F N3 O3'
#
# COMPACT_ATOMS: atom_id res chain seq x y z
N ASP A 6 -1.07 24.54 8.26
CA ASP A 6 -1.64 24.74 9.59
C ASP A 6 -2.27 23.44 10.09
N LEU A 7 -2.04 23.14 11.37
CA LEU A 7 -2.39 21.83 11.92
C LEU A 7 -3.85 21.72 12.33
N LYS A 8 -4.58 22.83 12.44
CA LYS A 8 -5.98 22.73 12.85
C LYS A 8 -6.83 22.00 11.83
N SER A 9 -6.49 22.13 10.54
CA SER A 9 -7.23 21.46 9.48
C SER A 9 -6.45 20.31 8.85
N LEU A 10 -5.32 19.93 9.43
CA LEU A 10 -4.47 18.90 8.82
C LEU A 10 -5.22 17.57 8.70
N ALA A 11 -5.85 17.12 9.78
CA ALA A 11 -6.50 15.81 9.77
C ALA A 11 -7.59 15.74 8.72
N LYS A 12 -8.44 16.76 8.65
CA LYS A 12 -9.49 16.79 7.63
C LYS A 12 -8.89 16.88 6.23
N ARG A 13 -7.83 17.67 6.06
CA ARG A 13 -7.23 17.84 4.73
C ARG A 13 -6.64 16.53 4.24
N ILE A 14 -5.94 15.81 5.12
CA ILE A 14 -5.35 14.53 4.71
C ILE A 14 -6.44 13.50 4.45
N TYR A 15 -7.48 13.48 5.27
CA TYR A 15 -8.59 12.56 5.06
C TYR A 15 -9.28 12.85 3.73
N GLU A 16 -9.52 14.12 3.43
CA GLU A 16 -10.15 14.48 2.15
C GLU A 16 -9.26 14.07 0.98
N ALA A 17 -7.95 14.30 1.07
CA ALA A 17 -7.04 13.88 0.01
C ALA A 17 -7.02 12.36 -0.17
N TYR A 18 -7.21 11.62 0.91
CA TYR A 18 -7.29 10.17 0.85
C TYR A 18 -8.55 9.72 0.13
N LEU A 19 -9.70 10.28 0.52
CA LEU A 19 -10.94 9.96 -0.18
C LEU A 19 -10.89 10.40 -1.64
N LYS A 20 -10.16 11.48 -1.94
CA LYS A 20 -10.13 12.00 -3.30
C LYS A 20 -9.30 11.12 -4.23
N ASN A 21 -8.24 10.50 -3.72
CA ASN A 21 -7.22 9.94 -4.60
C ASN A 21 -7.19 8.43 -4.69
N PHE A 22 -7.75 7.70 -3.74
CA PHE A 22 -7.70 6.24 -3.75
C PHE A 22 -9.02 5.68 -4.24
N ASN A 23 -8.96 4.88 -5.32
CA ASN A 23 -10.16 4.30 -5.89
C ASN A 23 -10.86 3.38 -4.90
N MET A 24 -10.12 2.76 -4.00
CA MET A 24 -10.71 1.84 -3.05
C MET A 24 -10.29 2.25 -1.65
N ASN A 25 -11.24 2.21 -0.73
CA ASN A 25 -10.97 2.49 0.67
C ASN A 25 -11.67 1.45 1.53
N LYS A 26 -11.63 1.63 2.85
CA LYS A 26 -12.18 0.60 3.72
C LYS A 26 -13.70 0.56 3.68
N VAL A 27 -14.34 1.73 3.66
CA VAL A 27 -15.81 1.76 3.61
C VAL A 27 -16.31 1.11 2.33
N LYS A 28 -15.69 1.45 1.19
CA LYS A 28 -16.09 0.84 -0.08
C LYS A 28 -15.83 -0.66 -0.07
N ALA A 29 -14.73 -1.09 0.54
CA ALA A 29 -14.35 -2.50 0.50
C ALA A 29 -15.27 -3.36 1.37
N ARG A 30 -15.55 -2.90 2.55
CA ARG A 30 -16.42 -3.63 3.46
C ARG A 30 -17.83 -3.79 2.89
N VAL A 31 -18.33 -2.79 2.20
CA VAL A 31 -19.65 -2.89 1.55
C VAL A 31 -19.64 -4.04 0.54
N ILE A 32 -18.60 -4.12 -0.27
CA ILE A 32 -18.48 -5.21 -1.24
C ILE A 32 -18.29 -6.54 -0.53
N LEU A 33 -17.34 -6.58 0.42
CA LEU A 33 -17.05 -7.80 1.17
C LEU A 33 -18.22 -8.28 2.01
N SER A 34 -19.23 -7.44 2.21
CA SER A 34 -20.42 -7.83 2.96
C SER A 34 -21.53 -8.29 2.04
N PRO A 42 -19.18 -9.60 -6.58
CA PRO A 42 -17.77 -9.94 -6.77
C PRO A 42 -17.52 -11.40 -7.12
N PHE A 43 -16.93 -11.63 -8.29
CA PHE A 43 -16.63 -12.98 -8.73
C PHE A 43 -15.56 -13.60 -7.83
N VAL A 44 -15.83 -14.80 -7.33
CA VAL A 44 -14.92 -15.49 -6.42
C VAL A 44 -13.97 -16.36 -7.23
N ILE A 45 -12.67 -16.10 -7.07
CA ILE A 45 -11.62 -16.87 -7.73
C ILE A 45 -11.06 -17.84 -6.69
N HIS A 46 -11.30 -19.14 -6.86
CA HIS A 46 -10.83 -20.12 -5.90
C HIS A 46 -10.09 -21.30 -6.52
N ASP A 47 -10.00 -21.37 -7.84
CA ASP A 47 -9.24 -22.43 -8.50
C ASP A 47 -8.82 -21.94 -9.89
N MET A 48 -8.18 -22.82 -10.64
CA MET A 48 -7.80 -22.48 -12.01
C MET A 48 -9.02 -22.24 -12.89
N GLU A 49 -10.13 -22.92 -12.60
CA GLU A 49 -11.33 -22.76 -13.41
C GLU A 49 -11.92 -21.36 -13.24
N THR A 50 -12.17 -20.96 -11.99
CA THR A 50 -12.76 -19.63 -11.76
C THR A 50 -11.78 -18.53 -12.12
N LEU A 51 -10.47 -18.77 -12.00
CA LEU A 51 -9.51 -17.77 -12.47
C LEU A 51 -9.70 -17.48 -13.95
N CYS A 52 -9.88 -18.54 -14.76
CA CYS A 52 -10.05 -18.34 -16.19
C CYS A 52 -11.39 -17.68 -16.51
N MET A 53 -12.44 -18.02 -15.77
CA MET A 53 -13.73 -17.37 -15.98
C MET A 53 -13.64 -15.88 -15.67
N ALA A 54 -12.99 -15.54 -14.56
CA ALA A 54 -12.83 -14.14 -14.19
C ALA A 54 -12.01 -13.38 -15.23
N GLU A 55 -10.89 -13.96 -15.65
CA GLU A 55 -10.04 -13.30 -16.64
C GLU A 55 -10.76 -13.09 -17.96
N LYS A 56 -11.75 -13.94 -18.26
CA LYS A 56 -12.49 -13.80 -19.50
C LYS A 56 -13.29 -12.51 -19.54
N THR A 57 -13.68 -11.98 -18.37
CA THR A 57 -14.48 -10.76 -18.28
C THR A 57 -13.66 -9.54 -17.89
N LEU A 58 -12.76 -9.67 -16.93
CA LEU A 58 -12.06 -8.52 -16.35
C LEU A 58 -10.72 -8.22 -17.00
N VAL A 59 -10.28 -9.03 -17.97
CA VAL A 59 -8.97 -8.85 -18.60
C VAL A 59 -9.14 -8.80 -20.11
N ALA A 60 -8.50 -7.82 -20.74
CA ALA A 60 -8.50 -7.70 -22.19
C ALA A 60 -7.62 -8.78 -22.82
N ASN A 69 -2.35 -16.60 -22.09
CA ASN A 69 -1.22 -17.09 -22.87
C ASN A 69 -0.11 -17.58 -21.94
N LYS A 70 0.30 -16.73 -21.01
CA LYS A 70 1.38 -17.06 -20.09
C LYS A 70 0.85 -17.93 -18.95
N GLU A 71 1.78 -18.45 -18.16
CA GLU A 71 1.43 -19.33 -17.05
C GLU A 71 0.55 -18.61 -16.04
N ALA A 72 -0.33 -19.37 -15.37
CA ALA A 72 -1.33 -18.80 -14.49
C ALA A 72 -0.70 -17.91 -13.42
N GLU A 73 0.43 -18.35 -12.86
CA GLU A 73 1.09 -17.55 -11.83
C GLU A 73 1.68 -16.27 -12.40
N VAL A 74 2.17 -16.32 -13.64
CA VAL A 74 2.70 -15.11 -14.28
C VAL A 74 1.58 -14.14 -14.60
N ARG A 75 0.37 -14.66 -14.89
CA ARG A 75 -0.76 -13.80 -15.17
C ARG A 75 -1.23 -13.06 -13.92
N ILE A 76 -1.32 -13.78 -12.79
CA ILE A 76 -1.65 -13.12 -11.53
C ILE A 76 -0.58 -12.12 -11.14
N PHE A 77 0.69 -12.49 -11.34
CA PHE A 77 1.80 -11.58 -11.08
C PHE A 77 1.63 -10.27 -11.82
N HIS A 78 1.23 -10.33 -13.09
CA HIS A 78 1.07 -9.11 -13.87
C HIS A 78 -0.14 -8.31 -13.38
N CYS A 79 -1.26 -8.98 -13.10
CA CYS A 79 -2.41 -8.29 -12.55
C CYS A 79 -2.09 -7.68 -11.20
N CYS A 80 -1.24 -8.34 -10.41
CA CYS A 80 -0.83 -7.78 -9.12
C CYS A 80 0.02 -6.54 -9.30
N GLN A 81 1.04 -6.63 -10.16
CA GLN A 81 1.95 -5.50 -10.34
C GLN A 81 1.27 -4.34 -11.04
N CYS A 82 0.32 -4.63 -11.94
CA CYS A 82 -0.45 -3.56 -12.55
C CYS A 82 -1.29 -2.82 -11.51
N THR A 83 -1.84 -3.56 -10.54
CA THR A 83 -2.56 -2.92 -9.45
C THR A 83 -1.61 -2.00 -8.66
N SER A 84 -0.41 -2.48 -8.36
CA SER A 84 0.53 -1.68 -7.58
C SER A 84 0.91 -0.40 -8.31
N VAL A 85 1.11 -0.48 -9.64
CA VAL A 85 1.43 0.73 -10.41
C VAL A 85 0.33 1.76 -10.24
N GLU A 86 -0.93 1.33 -10.29
CA GLU A 86 -2.05 2.25 -10.09
C GLU A 86 -2.04 2.83 -8.68
N THR A 87 -1.78 1.97 -7.67
CA THR A 87 -1.74 2.47 -6.30
C THR A 87 -0.59 3.44 -6.10
N VAL A 88 0.56 3.18 -6.76
CA VAL A 88 1.69 4.09 -6.66
C VAL A 88 1.30 5.47 -7.21
N THR A 89 0.54 5.49 -8.30
CA THR A 89 0.12 6.76 -8.89
C THR A 89 -0.86 7.48 -7.99
N GLU A 90 -1.78 6.74 -7.36
CA GLU A 90 -2.70 7.34 -6.41
C GLU A 90 -1.94 7.88 -5.19
N LEU A 91 -0.99 7.11 -4.68
CA LEU A 91 -0.18 7.58 -3.55
C LEU A 91 0.62 8.82 -3.91
N THR A 92 1.07 8.92 -5.16
CA THR A 92 1.83 10.09 -5.58
C THR A 92 0.96 11.34 -5.52
N GLU A 93 -0.28 11.25 -6.01
CA GLU A 93 -1.17 12.40 -5.92
C GLU A 93 -1.59 12.68 -4.49
N PHE A 94 -1.74 11.63 -3.67
CA PHE A 94 -2.03 11.81 -2.26
C PHE A 94 -0.91 12.60 -1.57
N ALA A 95 0.34 12.20 -1.78
CA ALA A 95 1.45 12.90 -1.16
C ALA A 95 1.49 14.36 -1.58
N LYS A 96 1.17 14.64 -2.84
CA LYS A 96 1.15 16.02 -3.33
C LYS A 96 0.19 16.88 -2.52
N ALA A 97 -0.88 16.29 -2.00
CA ALA A 97 -1.87 17.01 -1.24
C ALA A 97 -1.55 17.11 0.24
N ILE A 98 -0.50 16.43 0.70
CA ILE A 98 -0.05 16.56 2.09
C ILE A 98 0.61 17.93 2.22
N PRO A 99 0.13 18.81 3.10
CA PRO A 99 0.72 20.15 3.23
C PRO A 99 2.20 20.09 3.54
N GLY A 100 3.00 20.75 2.70
CA GLY A 100 4.42 20.81 2.87
C GLY A 100 5.21 19.84 2.02
N PHE A 101 4.56 18.79 1.50
CA PHE A 101 5.27 17.82 0.66
C PHE A 101 5.79 18.48 -0.62
N ALA A 102 4.96 19.32 -1.25
CA ALA A 102 5.36 19.95 -2.50
C ALA A 102 6.48 20.96 -2.31
N ASN A 103 6.63 21.53 -1.10
CA ASN A 103 7.69 22.50 -0.86
C ASN A 103 9.06 21.85 -0.80
N LEU A 104 9.13 20.55 -0.54
CA LEU A 104 10.42 19.86 -0.50
C LEU A 104 11.05 19.85 -1.88
N ASP A 105 12.38 19.73 -1.89
CA ASP A 105 13.08 19.56 -3.15
C ASP A 105 12.61 18.29 -3.84
N LEU A 106 12.58 18.32 -5.16
CA LEU A 106 11.99 17.24 -5.93
C LEU A 106 12.71 15.91 -5.67
N ASN A 107 14.02 15.95 -5.43
CA ASN A 107 14.74 14.72 -5.11
C ASN A 107 14.29 14.15 -3.77
N ASP A 108 13.91 15.01 -2.83
CA ASP A 108 13.39 14.51 -1.56
C ASP A 108 12.01 13.90 -1.75
N GLN A 109 11.20 14.48 -2.65
CA GLN A 109 9.88 13.91 -2.93
C GLN A 109 10.01 12.51 -3.52
N VAL A 110 10.95 12.31 -4.45
CA VAL A 110 11.16 11.00 -5.03
C VAL A 110 11.60 9.99 -3.98
N THR A 111 12.52 10.40 -3.10
CA THR A 111 13.03 9.50 -2.07
C THR A 111 11.91 9.02 -1.14
N LEU A 112 11.08 9.96 -0.68
CA LEU A 112 9.98 9.60 0.23
C LEU A 112 9.02 8.63 -0.43
N LEU A 113 8.68 8.87 -1.69
CA LEU A 113 7.80 7.95 -2.41
C LEU A 113 8.48 6.61 -2.62
N LYS A 114 9.75 6.63 -3.04
CA LYS A 114 10.49 5.41 -3.34
C LYS A 114 10.43 4.42 -2.17
N TYR A 115 10.72 4.90 -0.97
CA TYR A 115 10.76 4.03 0.19
C TYR A 115 9.42 3.89 0.89
N GLY A 116 8.48 4.78 0.61
CA GLY A 116 7.22 4.79 1.33
C GLY A 116 6.08 4.03 0.70
N VAL A 117 6.03 3.94 -0.64
CA VAL A 117 4.80 3.49 -1.30
C VAL A 117 4.45 2.06 -0.91
N TYR A 118 5.44 1.19 -0.79
CA TYR A 118 5.07 -0.20 -0.52
C TYR A 118 4.69 -0.45 0.94
N GLU A 119 5.24 0.33 1.87
CA GLU A 119 4.72 0.28 3.23
C GLU A 119 3.26 0.70 3.23
N ALA A 120 2.93 1.77 2.52
CA ALA A 120 1.55 2.23 2.42
C ALA A 120 0.70 1.21 1.67
N ILE A 121 1.22 0.62 0.60
CA ILE A 121 0.44 -0.34 -0.20
C ILE A 121 -0.01 -1.52 0.67
N PHE A 122 0.91 -2.09 1.44
CA PHE A 122 0.54 -3.25 2.25
C PHE A 122 -0.31 -2.85 3.44
N ALA A 123 -0.13 -1.63 3.95
CA ALA A 123 -1.05 -1.13 4.98
C ALA A 123 -2.48 -1.01 4.44
N MET A 124 -2.65 -0.31 3.32
CA MET A 124 -3.98 -0.14 2.73
C MET A 124 -4.55 -1.45 2.20
N LEU A 125 -3.68 -2.36 1.74
CA LEU A 125 -4.16 -3.63 1.23
C LEU A 125 -4.96 -4.39 2.28
N SER A 126 -4.67 -4.17 3.56
CA SER A 126 -5.44 -4.79 4.63
C SER A 126 -6.93 -4.45 4.52
N SER A 127 -7.25 -3.26 3.99
CA SER A 127 -8.64 -2.84 3.92
C SER A 127 -9.46 -3.72 2.98
N VAL A 128 -8.82 -4.36 2.00
CA VAL A 128 -9.52 -5.22 1.06
C VAL A 128 -9.34 -6.70 1.38
N MET A 129 -8.80 -7.02 2.56
CA MET A 129 -8.53 -8.39 2.94
C MET A 129 -9.40 -8.82 4.11
N ASN A 130 -9.83 -10.08 4.08
CA ASN A 130 -10.32 -10.73 5.29
C ASN A 130 -9.55 -12.03 5.47
N LYS A 131 -9.99 -12.87 6.41
CA LYS A 131 -9.25 -14.11 6.66
C LYS A 131 -9.33 -15.08 5.48
N ASP A 132 -10.31 -14.93 4.59
CA ASP A 132 -10.51 -15.88 3.50
C ASP A 132 -9.90 -15.44 2.18
N GLY A 133 -9.72 -14.15 1.95
CA GLY A 133 -9.19 -13.72 0.66
C GLY A 133 -9.10 -12.20 0.59
N MET A 134 -8.97 -11.69 -0.63
CA MET A 134 -8.80 -10.27 -0.83
C MET A 134 -9.47 -9.83 -2.13
N LEU A 135 -9.97 -8.60 -2.13
CA LEU A 135 -10.58 -8.03 -3.32
C LEU A 135 -9.52 -7.70 -4.36
N VAL A 136 -9.87 -7.90 -5.63
CA VAL A 136 -9.00 -7.60 -6.75
C VAL A 136 -9.84 -7.00 -7.87
N ALA A 137 -9.17 -6.42 -8.85
CA ALA A 137 -9.81 -5.87 -10.05
C ALA A 137 -10.85 -4.81 -9.68
N TYR A 138 -10.41 -3.82 -8.88
CA TYR A 138 -11.23 -2.67 -8.52
C TYR A 138 -12.57 -3.10 -7.92
N GLY A 139 -12.52 -4.09 -7.03
CA GLY A 139 -13.68 -4.57 -6.33
C GLY A 139 -14.52 -5.60 -7.07
N ASN A 140 -14.14 -5.96 -8.29
CA ASN A 140 -14.96 -6.86 -9.09
C ASN A 140 -14.61 -8.33 -8.89
N GLY A 141 -13.45 -8.63 -8.29
CA GLY A 141 -13.08 -10.00 -8.04
C GLY A 141 -12.66 -10.20 -6.60
N PHE A 142 -12.70 -11.46 -6.17
CA PHE A 142 -12.29 -11.84 -4.82
C PHE A 142 -11.54 -13.16 -4.92
N ILE A 143 -10.22 -13.13 -4.72
CA ILE A 143 -9.38 -14.30 -4.84
C ILE A 143 -9.15 -14.88 -3.45
N THR A 144 -9.27 -16.20 -3.33
CA THR A 144 -9.20 -16.82 -2.02
C THR A 144 -7.76 -16.97 -1.55
N ARG A 145 -7.59 -16.92 -0.23
CA ARG A 145 -6.27 -17.09 0.37
C ARG A 145 -5.69 -18.47 0.06
N GLU A 146 -6.56 -19.49 0.01
CA GLU A 146 -6.07 -20.84 -0.23
C GLU A 146 -5.58 -21.03 -1.65
N PHE A 147 -6.23 -20.36 -2.62
CA PHE A 147 -5.80 -20.50 -4.01
C PHE A 147 -4.42 -19.92 -4.24
N LEU A 148 -4.11 -18.80 -3.59
CA LEU A 148 -2.78 -18.22 -3.72
C LEU A 148 -1.73 -19.15 -3.14
N LYS A 149 -2.02 -19.79 -2.01
CA LYS A 149 -1.09 -20.77 -1.45
C LYS A 149 -0.98 -22.00 -2.33
N SER A 150 -2.07 -22.40 -3.00
CA SER A 150 -2.06 -23.56 -3.86
C SER A 150 -1.22 -23.36 -5.13
N LEU A 151 -0.75 -22.15 -5.38
CA LEU A 151 0.08 -21.89 -6.55
C LEU A 151 1.48 -22.49 -6.35
N ARG A 152 2.27 -22.44 -7.42
CA ARG A 152 3.63 -22.95 -7.37
C ARG A 152 4.58 -21.90 -6.81
N LYS A 153 5.68 -22.36 -6.24
CA LYS A 153 6.67 -21.47 -5.69
C LYS A 153 7.43 -20.76 -6.80
N PRO A 154 7.91 -19.53 -6.56
CA PRO A 154 7.81 -18.78 -5.31
C PRO A 154 6.54 -17.92 -5.21
N PHE A 155 5.66 -18.03 -6.21
CA PHE A 155 4.47 -17.18 -6.26
C PHE A 155 3.54 -17.45 -5.09
N CYS A 156 3.52 -18.67 -4.57
CA CYS A 156 2.69 -18.97 -3.42
C CYS A 156 3.29 -18.50 -2.10
N ASP A 157 4.51 -17.96 -2.12
CA ASP A 157 5.19 -17.48 -0.93
C ASP A 157 5.06 -15.97 -0.75
N ILE A 158 4.25 -15.31 -1.57
CA ILE A 158 4.25 -13.85 -1.59
C ILE A 158 3.21 -13.28 -0.62
N MET A 159 1.97 -13.75 -0.70
CA MET A 159 0.87 -13.08 -0.02
C MET A 159 0.68 -13.54 1.41
N GLU A 160 1.29 -14.66 1.81
CA GLU A 160 1.10 -15.15 3.17
C GLU A 160 1.50 -14.13 4.24
N PRO A 161 2.67 -13.52 4.20
CA PRO A 161 3.00 -12.52 5.25
C PRO A 161 2.11 -11.29 5.20
N LYS A 162 1.53 -10.96 4.05
CA LYS A 162 0.65 -9.79 3.98
C LYS A 162 -0.69 -10.08 4.64
N PHE A 163 -1.24 -11.27 4.41
CA PHE A 163 -2.45 -11.67 5.10
C PHE A 163 -2.26 -11.69 6.61
N ASP A 164 -1.10 -12.18 7.06
CA ASP A 164 -0.82 -12.20 8.50
C ASP A 164 -0.72 -10.79 9.07
N PHE A 165 -0.03 -9.89 8.36
CA PHE A 165 0.01 -8.50 8.81
C PHE A 165 -1.38 -7.89 8.82
N ALA A 166 -2.14 -8.10 7.73
CA ALA A 166 -3.47 -7.52 7.62
C ALA A 166 -4.39 -8.01 8.73
N MET A 167 -4.19 -9.25 9.18
CA MET A 167 -5.10 -9.81 10.17
C MET A 167 -4.95 -9.08 11.50
N LYS A 168 -3.71 -8.85 11.93
CA LYS A 168 -3.48 -8.10 13.17
C LYS A 168 -3.73 -6.61 12.99
N PHE A 169 -3.46 -6.07 11.79
CA PHE A 169 -3.76 -4.67 11.54
C PHE A 169 -5.26 -4.41 11.55
N ASN A 170 -6.04 -5.32 10.95
CA ASN A 170 -7.49 -5.14 10.92
C ASN A 170 -8.11 -5.28 12.31
N ALA A 171 -7.46 -6.01 13.21
CA ALA A 171 -7.99 -6.15 14.56
C ALA A 171 -8.01 -4.82 15.32
N LEU A 172 -7.17 -3.87 14.92
CA LEU A 172 -7.19 -2.54 15.52
C LEU A 172 -8.44 -1.75 15.14
N GLU A 173 -9.19 -2.20 14.13
CA GLU A 173 -10.47 -1.59 13.76
C GLU A 173 -10.33 -0.11 13.42
N LEU A 174 -9.26 0.24 12.72
CA LEU A 174 -9.12 1.59 12.21
C LEU A 174 -10.17 1.85 11.13
N ASP A 175 -10.55 3.12 10.97
CA ASP A 175 -11.39 3.53 9.84
C ASP A 175 -10.54 4.33 8.87
N ASP A 176 -11.16 4.73 7.76
CA ASP A 176 -10.44 5.46 6.72
C ASP A 176 -9.86 6.77 7.25
N SER A 177 -10.50 7.38 8.24
CA SER A 177 -9.93 8.60 8.81
C SER A 177 -8.64 8.31 9.56
N ASP A 178 -8.58 7.19 10.29
CA ASP A 178 -7.33 6.77 10.94
C ASP A 178 -6.28 6.41 9.89
N ILE A 179 -6.67 5.65 8.88
CA ILE A 179 -5.72 5.11 7.91
C ILE A 179 -5.10 6.23 7.08
N SER A 180 -5.89 7.25 6.75
CA SER A 180 -5.37 8.37 5.95
C SER A 180 -4.18 9.04 6.66
N LEU A 181 -4.31 9.28 7.96
CA LEU A 181 -3.20 9.89 8.70
C LEU A 181 -2.04 8.92 8.84
N PHE A 182 -2.33 7.63 9.00
CA PHE A 182 -1.29 6.61 9.10
C PHE A 182 -0.44 6.58 7.83
N VAL A 183 -1.09 6.61 6.67
CA VAL A 183 -0.37 6.57 5.40
C VAL A 183 0.43 7.86 5.21
N ALA A 184 -0.14 9.00 5.59
CA ALA A 184 0.61 10.25 5.53
C ALA A 184 1.89 10.17 6.38
N ALA A 185 1.79 9.61 7.59
CA ALA A 185 2.98 9.46 8.43
C ALA A 185 3.99 8.50 7.82
N ILE A 186 3.51 7.47 7.11
CA ILE A 186 4.40 6.53 6.45
C ILE A 186 5.22 7.26 5.37
N ILE A 187 4.55 8.08 4.56
CA ILE A 187 5.22 8.75 3.45
C ILE A 187 6.22 9.78 3.96
N CYS A 188 5.79 10.60 4.92
CA CYS A 188 6.63 11.72 5.40
C CYS A 188 7.59 11.25 6.49
N CYS A 189 8.41 10.27 6.13
CA CYS A 189 9.34 9.64 7.05
C CYS A 189 10.73 10.24 6.84
N GLY A 190 11.27 10.89 7.89
CA GLY A 190 12.57 11.53 7.80
C GLY A 190 13.74 10.59 7.89
N ASP A 191 13.48 9.29 8.01
CA ASP A 191 14.49 8.27 8.21
C ASP A 191 14.98 7.66 6.91
N ARG A 192 14.39 8.02 5.78
CA ARG A 192 14.68 7.34 4.53
C ARG A 192 16.11 7.64 4.06
N PRO A 193 16.76 6.66 3.44
CA PRO A 193 18.15 6.87 2.99
C PRO A 193 18.22 7.91 1.87
N GLY A 194 19.19 8.81 1.99
CA GLY A 194 19.43 9.78 0.94
C GLY A 194 18.62 11.06 1.02
N LEU A 195 17.84 11.24 2.09
CA LEU A 195 17.04 12.44 2.22
C LEU A 195 17.93 13.65 2.45
N LEU A 196 17.56 14.77 1.82
CA LEU A 196 18.31 16.02 2.00
C LEU A 196 17.84 16.76 3.24
N ASN A 197 16.64 17.32 3.21
CA ASN A 197 16.15 18.13 4.33
C ASN A 197 15.51 17.20 5.37
N VAL A 198 16.38 16.54 6.14
CA VAL A 198 15.92 15.62 7.17
C VAL A 198 15.18 16.37 8.27
N GLY A 199 15.73 17.49 8.73
CA GLY A 199 15.15 18.19 9.86
C GLY A 199 13.76 18.72 9.59
N HIS A 200 13.52 19.18 8.35
CA HIS A 200 12.20 19.69 8.00
C HIS A 200 11.20 18.56 7.80
N ILE A 201 11.62 17.50 7.10
CA ILE A 201 10.73 16.35 6.91
C ILE A 201 10.38 15.74 8.25
N GLU A 202 11.35 15.67 9.17
CA GLU A 202 11.07 15.21 10.53
C GLU A 202 10.01 16.08 11.19
N LYS A 203 10.07 17.40 10.99
CA LYS A 203 9.07 18.29 11.56
C LYS A 203 7.71 18.06 10.91
N MET A 204 7.69 17.81 9.60
CA MET A 204 6.46 17.46 8.93
C MET A 204 5.84 16.20 9.54
N GLN A 205 6.67 15.17 9.75
CA GLN A 205 6.16 13.95 10.36
C GLN A 205 5.68 14.19 11.78
N GLU A 206 6.42 15.01 12.54
CA GLU A 206 6.01 15.31 13.90
C GLU A 206 4.61 15.90 13.92
N GLY A 207 4.30 16.81 13.00
CA GLY A 207 2.97 17.37 12.94
C GLY A 207 1.92 16.36 12.54
N ILE A 208 2.21 15.55 11.51
CA ILE A 208 1.28 14.50 11.11
C ILE A 208 1.07 13.51 12.25
N VAL A 209 2.16 13.09 12.89
CA VAL A 209 2.06 12.13 13.99
C VAL A 209 1.28 12.72 15.16
N HIS A 210 1.54 14.00 15.48
CA HIS A 210 0.80 14.64 16.55
C HIS A 210 -0.69 14.70 16.24
N VAL A 211 -1.04 15.03 14.99
CA VAL A 211 -2.44 15.06 14.59
C VAL A 211 -3.04 13.65 14.65
N LEU A 212 -2.24 12.64 14.30
CA LEU A 212 -2.70 11.26 14.41
C LEU A 212 -2.96 10.87 15.87
N ARG A 213 -2.05 11.23 16.77
CA ARG A 213 -2.27 10.97 18.20
C ARG A 213 -3.57 11.57 18.67
N LEU A 214 -3.79 12.85 18.35
CA LEU A 214 -5.01 13.52 18.78
C LEU A 214 -6.24 12.86 18.17
N HIS A 215 -6.15 12.45 16.91
CA HIS A 215 -7.27 11.80 16.25
C HIS A 215 -7.58 10.44 16.87
N LEU A 216 -6.55 9.68 17.20
CA LEU A 216 -6.78 8.37 17.83
C LEU A 216 -7.40 8.54 19.21
N GLN A 217 -7.04 9.61 19.92
CA GLN A 217 -7.62 9.90 21.22
C GLN A 217 -9.13 10.11 21.11
N SER A 218 -9.56 10.88 20.09
CA SER A 218 -10.98 11.18 19.93
C SER A 218 -11.73 10.02 19.28
N ASN A 219 -11.12 9.37 18.29
CA ASN A 219 -11.82 8.36 17.50
C ASN A 219 -11.82 6.99 18.18
N HIS A 220 -10.85 6.71 19.04
CA HIS A 220 -10.71 5.42 19.70
C HIS A 220 -10.48 5.60 21.19
N PRO A 221 -11.43 6.22 21.90
CA PRO A 221 -11.24 6.44 23.34
C PRO A 221 -11.23 5.17 24.15
N ASP A 222 -11.64 4.04 23.56
CA ASP A 222 -11.66 2.77 24.26
C ASP A 222 -10.29 2.10 24.30
N ASP A 223 -9.31 2.60 23.55
CA ASP A 223 -7.97 2.02 23.50
C ASP A 223 -6.98 3.18 23.63
N ILE A 224 -6.59 3.50 24.87
CA ILE A 224 -5.71 4.64 25.10
C ILE A 224 -4.27 4.28 24.77
N PHE A 225 -4.03 3.04 24.34
CA PHE A 225 -2.71 2.59 23.91
C PHE A 225 -2.66 2.28 22.41
N LEU A 226 -3.61 2.77 21.63
CA LEU A 226 -3.62 2.46 20.20
C LEU A 226 -2.41 3.07 19.48
N PHE A 227 -1.98 4.26 19.89
CA PHE A 227 -0.89 4.92 19.16
C PHE A 227 0.42 4.14 19.20
N PRO A 228 0.91 3.66 20.35
CA PRO A 228 2.13 2.82 20.30
C PRO A 228 1.94 1.55 19.48
N LYS A 229 0.73 0.98 19.46
CA LYS A 229 0.46 -0.15 18.58
C LYS A 229 0.74 0.22 17.12
N LEU A 230 0.32 1.42 16.70
CA LEU A 230 0.52 1.85 15.32
C LEU A 230 1.98 2.15 15.03
N LEU A 231 2.72 2.68 16.00
CA LEU A 231 4.15 2.87 15.81
C LEU A 231 4.84 1.55 15.49
N GLN A 232 4.47 0.49 16.20
CA GLN A 232 5.05 -0.82 15.91
C GLN A 232 4.63 -1.33 14.54
N LYS A 233 3.40 -1.03 14.12
CA LYS A 233 2.96 -1.44 12.79
C LYS A 233 3.82 -0.81 11.70
N MET A 234 4.25 0.43 11.92
CA MET A 234 5.14 1.08 10.94
C MET A 234 6.47 0.35 10.84
N ALA A 235 7.01 -0.11 11.97
CA ALA A 235 8.23 -0.90 11.95
C ALA A 235 8.00 -2.26 11.30
N ASP A 236 6.88 -2.90 11.61
CA ASP A 236 6.56 -4.19 11.00
C ASP A 236 6.45 -4.07 9.48
N LEU A 237 5.94 -2.94 8.98
CA LEU A 237 5.77 -2.78 7.55
C LEU A 237 7.11 -2.59 6.85
N ARG A 238 8.04 -1.89 7.50
CA ARG A 238 9.37 -1.71 6.91
C ARG A 238 10.06 -3.05 6.74
N GLN A 239 9.89 -3.96 7.69
CA GLN A 239 10.45 -5.31 7.56
C GLN A 239 9.71 -6.11 6.50
N LEU A 240 8.39 -5.93 6.42
CA LEU A 240 7.59 -6.65 5.42
C LEU A 240 7.99 -6.25 3.99
N VAL A 241 8.40 -4.99 3.81
CA VAL A 241 8.77 -4.54 2.47
C VAL A 241 10.17 -5.00 2.10
N THR A 242 11.11 -4.95 3.05
CA THR A 242 12.48 -5.36 2.76
C THR A 242 12.55 -6.82 2.38
N GLU A 243 11.78 -7.67 3.06
CA GLU A 243 11.69 -9.08 2.68
C GLU A 243 10.96 -9.24 1.36
N HIS A 244 10.01 -8.35 1.06
CA HIS A 244 9.28 -8.43 -0.20
C HIS A 244 10.18 -8.11 -1.39
N ALA A 245 11.07 -7.12 -1.23
CA ALA A 245 11.98 -6.76 -2.30
C ALA A 245 12.90 -7.92 -2.66
N GLN A 246 13.24 -8.75 -1.68
CA GLN A 246 14.04 -9.93 -1.94
C GLN A 246 13.33 -10.88 -2.92
N LEU A 247 12.02 -11.00 -2.78
CA LEU A 247 11.24 -11.82 -3.71
C LEU A 247 11.15 -11.18 -5.08
N VAL A 248 11.12 -9.85 -5.13
CA VAL A 248 11.09 -9.15 -6.42
C VAL A 248 12.36 -9.45 -7.21
N GLN A 249 13.51 -9.49 -6.53
CA GLN A 249 14.76 -9.78 -7.21
C GLN A 249 14.86 -11.25 -7.59
N ILE A 250 14.29 -12.15 -6.78
CA ILE A 250 14.23 -13.55 -7.14
C ILE A 250 13.49 -13.74 -8.46
N ILE A 251 12.38 -13.02 -8.62
CA ILE A 251 11.56 -13.15 -9.83
C ILE A 251 12.22 -12.44 -11.00
N LYS A 252 12.83 -11.28 -10.76
CA LYS A 252 13.46 -10.53 -11.85
C LYS A 252 14.57 -11.34 -12.51
N LYS A 253 15.34 -12.07 -11.71
CA LYS A 253 16.52 -12.77 -12.23
C LYS A 253 16.24 -14.19 -12.68
N THR A 254 15.22 -14.84 -12.13
CA THR A 254 14.99 -16.26 -12.37
C THR A 254 13.64 -16.57 -13.01
N GLU A 255 12.88 -15.56 -13.43
CA GLU A 255 11.61 -15.77 -14.11
C GLU A 255 11.60 -14.92 -15.37
N SER A 256 11.73 -15.58 -16.53
CA SER A 256 11.86 -14.86 -17.79
C SER A 256 10.58 -14.16 -18.18
N ASP A 257 9.45 -14.88 -18.16
CA ASP A 257 8.18 -14.31 -18.58
C ASP A 257 7.63 -13.29 -17.60
N ALA A 258 8.15 -13.26 -16.37
CA ALA A 258 7.67 -12.33 -15.35
C ALA A 258 8.45 -11.01 -15.46
N ALA A 259 8.15 -10.28 -16.52
CA ALA A 259 8.79 -8.98 -16.74
C ALA A 259 8.33 -7.98 -15.69
N LEU A 260 9.26 -7.10 -15.30
CA LEU A 260 9.00 -6.09 -14.28
C LEU A 260 8.53 -4.80 -14.93
N HIS A 261 7.51 -4.18 -14.35
CA HIS A 261 7.05 -2.90 -14.85
C HIS A 261 8.14 -1.84 -14.64
N PRO A 262 8.40 -0.99 -15.62
CA PRO A 262 9.45 0.03 -15.46
C PRO A 262 9.33 0.85 -14.18
N LEU A 263 8.12 1.23 -13.79
CA LEU A 263 7.95 2.03 -12.57
C LEU A 263 8.33 1.23 -11.34
N LEU A 264 7.97 -0.05 -11.30
CA LEU A 264 8.27 -0.87 -10.13
C LEU A 264 9.76 -1.18 -10.04
N GLN A 265 10.38 -1.50 -11.18
CA GLN A 265 11.84 -1.73 -11.16
C GLN A 265 12.58 -0.45 -10.77
N GLU A 266 12.05 0.72 -11.14
CA GLU A 266 12.62 1.96 -10.65
C GLU A 266 12.52 2.04 -9.14
N ILE A 267 11.37 1.67 -8.58
CA ILE A 267 11.16 1.78 -7.13
C ILE A 267 12.06 0.79 -6.40
N TYR A 268 12.05 -0.48 -6.83
CA TYR A 268 12.83 -1.50 -6.14
C TYR A 268 14.34 -1.37 -6.38
N ARG A 269 14.77 -0.59 -7.36
CA ARG A 269 16.19 -0.47 -7.64
C ARG A 269 16.91 0.23 -6.49
N ASP A 270 17.96 -0.41 -5.97
CA ASP A 270 18.78 0.14 -4.89
C ASP A 270 17.95 0.43 -3.65
N MET A 271 17.01 -0.46 -3.33
CA MET A 271 16.18 -0.29 -2.15
C MET A 271 15.98 -1.62 -1.42
N SER B 8 13.46 9.88 -14.52
CA SER B 8 12.87 8.76 -13.82
C SER B 8 11.39 8.88 -13.86
N LEU B 9 10.68 7.77 -13.84
CA LEU B 9 9.23 7.81 -13.87
C LEU B 9 8.64 8.47 -12.62
N LEU B 10 9.22 8.21 -11.46
CA LEU B 10 8.70 8.83 -10.25
C LEU B 10 8.78 10.36 -10.34
N LYS B 11 9.86 10.87 -10.92
CA LYS B 11 9.93 12.30 -11.20
C LYS B 11 8.82 12.72 -12.16
N LYS B 12 8.55 11.89 -13.16
CA LYS B 12 7.48 12.19 -14.12
C LYS B 12 6.12 12.24 -13.43
N LEU B 13 5.90 11.36 -12.46
CA LEU B 13 4.65 11.37 -11.72
C LEU B 13 4.53 12.63 -10.87
N LEU B 14 5.63 13.07 -10.26
CA LEU B 14 5.60 14.21 -9.36
C LEU B 14 5.55 15.55 -10.08
N LEU B 15 5.84 15.59 -11.38
CA LEU B 15 5.76 16.82 -12.15
C LEU B 15 4.47 16.89 -12.97
N ALA B 16 3.40 16.25 -12.51
CA ALA B 16 2.14 16.23 -13.24
C ALA B 16 1.50 17.61 -13.28
C01 A1LZX C . 1.15 -7.65 -4.49
C02 A1LZX C . 2.12 -6.67 -4.69
C03 A1LZX C . 3.28 -6.95 -5.40
C04 A1LZX C . 3.44 -8.24 -5.92
C05 A1LZX C . 2.43 -9.18 -5.69
C06 A1LZX C . 4.42 -8.95 -6.69
C07 A1LZX C . -0.12 -7.34 -3.69
C08 A1LZX C . 4.31 -5.86 -5.62
C09 A1LZX C . 5.75 -8.41 -7.22
C10 A1LZX C . 6.85 -9.48 -7.26
C11 A1LZX C . 5.62 -7.70 -8.56
C12 A1LZX C . 7.07 -10.19 -5.92
C13 A1LZX C . 6.68 -6.63 -8.70
C14 A1LZX C . 2.28 -12.37 -7.42
C15 A1LZX C . 1.61 -13.57 -7.55
C16 A1LZX C . 0.73 -13.97 -6.57
C17 A1LZX C . 0.51 -13.16 -5.46
C18 A1LZX C . 1.19 -11.95 -5.33
C19 A1LZX C . 2.08 -11.56 -6.31
C26 A1LZX C . -1.40 -7.74 -4.40
C28 A1LZX C . -3.00 -6.89 -5.88
C29 A1LZX C . -4.07 -6.80 -4.79
F20 A1LZX C . 0.07 -15.16 -6.71
N21 A1LZX C . 1.33 -8.88 -4.99
N22 A1LZX C . 3.99 -10.18 -6.86
N23 A1LZX C . 2.82 -10.32 -6.27
O24 A1LZX C . 5.48 -5.97 -5.17
O25 A1LZX C . 3.98 -4.84 -6.27
O27 A1LZX C . -1.74 -6.74 -5.30
#